data_3TZ2
#
_entry.id   3TZ2
#
_cell.length_a   128.201
_cell.length_b   128.201
_cell.length_c   72.111
_cell.angle_alpha   90.00
_cell.angle_beta   90.00
_cell.angle_gamma   90.00
#
_symmetry.space_group_name_H-M   'P 42 21 2'
#
loop_
_entity.id
_entity.type
_entity.pdbx_description
1 polymer '[3-methyl-2-oxobutanoate dehydrogenase [lipoamide]] kinase, mitochondrial'
2 non-polymer '4-PHENYL-BUTANOIC ACID'
#
_entity_poly.entity_id   1
_entity_poly.type   'polypeptide(L)'
_entity_poly.pdbx_seq_one_letter_code
;MILTSVLGSGPRSGSSLWPLLGSSLSLRVRSTSATDTHHVELARERSKTVTSFYNQSAIDVVAEKPSVRLTPTMMLYSGR
SQDGSHLLKSGRYLQQELPVRIAHRIKGFRSLPFIIGCNPTILHVHELYIRAFQKLTDFPPIKDQADEAQYCQLVRQLLD
DHKDVVTLLAEGLRESRKHIEDEKLVRYFLDKTLTSRLGIRMLATHHLALHEDKPDFVGIICTRLSPKKIIEKWVDFARR
LCEHKYGNAPRVRINGHVAARFPFIPMPLDYILPELLKNAMRATMESHLDTPYNVPDVVITIANNDVDLIIRISDRGGGI
AHKDLDRVMDYHFTTAEASTQDPRISPLFGHLDMHSGGQSGPMHGFGFGLPTSRAYAEYLGGSLQLQSLQGIGTDVYLRL
RHIDGREESFRIHHHHHH
;
_entity_poly.pdbx_strand_id   A
#
# COMPACT_ATOMS: atom_id res chain seq x y z
N ARG A 69 16.88 -4.42 -6.65
CA ARG A 69 16.77 -3.97 -8.02
C ARG A 69 15.42 -4.30 -8.62
N LEU A 70 15.06 -5.58 -8.70
CA LEU A 70 13.84 -5.96 -9.40
C LEU A 70 12.54 -5.97 -8.58
N THR A 71 11.42 -6.00 -9.29
CA THR A 71 10.06 -5.84 -8.73
C THR A 71 9.12 -6.47 -9.77
N PRO A 72 7.88 -6.84 -9.37
CA PRO A 72 6.97 -7.44 -10.37
C PRO A 72 6.70 -6.57 -11.61
N THR A 73 7.11 -7.08 -12.77
CA THR A 73 6.91 -6.42 -14.06
C THR A 73 7.58 -5.05 -14.18
N MET A 74 8.54 -4.78 -13.29
CA MET A 74 9.18 -3.47 -13.24
C MET A 74 10.53 -3.51 -12.52
N MET A 75 11.37 -2.52 -12.79
CA MET A 75 12.69 -2.47 -12.20
C MET A 75 12.94 -1.22 -11.34
N LEU A 76 13.41 -1.42 -10.11
CA LEU A 76 13.91 -0.32 -9.27
C LEU A 76 15.45 -0.25 -9.33
N TYR A 77 15.95 0.83 -9.92
CA TYR A 77 17.37 0.96 -10.24
C TYR A 77 18.26 1.06 -9.00
N SER A 78 19.19 0.11 -8.87
CA SER A 78 20.30 0.24 -7.94
C SER A 78 21.51 0.68 -8.74
N GLY A 79 21.82 1.97 -8.70
CA GLY A 79 22.93 2.52 -9.45
C GLY A 79 23.45 3.80 -8.83
N ARG A 80 24.72 4.10 -9.07
CA ARG A 80 25.36 5.28 -8.50
C ARG A 80 26.26 5.95 -9.50
N SER A 81 26.18 7.27 -9.56
CA SER A 81 27.04 8.06 -10.43
C SER A 81 27.33 9.39 -9.75
N GLN A 82 28.61 9.73 -9.68
CA GLN A 82 29.04 10.99 -9.10
C GLN A 82 28.50 12.16 -9.93
N ASP A 83 28.35 11.93 -11.23
CA ASP A 83 27.89 12.95 -12.15
C ASP A 83 26.37 12.89 -12.39
N GLY A 84 25.73 11.86 -11.82
CA GLY A 84 24.29 11.73 -11.89
C GLY A 84 23.77 11.23 -13.22
N SER A 85 24.58 10.42 -13.90
CA SER A 85 24.17 9.82 -15.17
C SER A 85 23.19 8.68 -14.95
N HIS A 86 22.96 8.34 -13.68
CA HIS A 86 21.96 7.33 -13.31
C HIS A 86 20.56 7.94 -13.38
N LEU A 87 20.46 9.21 -13.01
CA LEU A 87 19.19 9.94 -13.06
C LEU A 87 18.68 10.08 -14.49
N LEU A 88 19.57 9.94 -15.47
CA LEU A 88 19.16 9.98 -16.87
C LEU A 88 18.51 8.66 -17.23
N LYS A 89 19.27 7.58 -17.08
CA LYS A 89 18.76 6.23 -17.33
C LYS A 89 17.47 5.97 -16.54
N SER A 90 17.45 6.38 -15.27
CA SER A 90 16.25 6.25 -14.44
C SER A 90 15.03 6.93 -15.08
N GLY A 91 15.14 8.25 -15.32
CA GLY A 91 14.10 9.03 -15.96
C GLY A 91 13.76 8.59 -17.38
N ARG A 92 14.79 8.29 -18.17
CA ARG A 92 14.56 7.70 -19.50
C ARG A 92 13.66 6.48 -19.42
N TYR A 93 13.87 5.66 -18.39
CA TYR A 93 13.07 4.46 -18.20
C TYR A 93 11.67 4.79 -17.75
N LEU A 94 11.58 5.62 -16.72
CA LEU A 94 10.31 6.10 -16.22
C LEU A 94 9.43 6.62 -17.36
N GLN A 95 9.99 7.47 -18.21
CA GLN A 95 9.21 8.07 -19.28
C GLN A 95 8.76 7.06 -20.35
N GLN A 96 9.49 5.95 -20.48
CA GLN A 96 9.04 4.85 -21.33
C GLN A 96 7.93 4.04 -20.64
N GLU A 97 8.14 3.70 -19.38
CA GLU A 97 7.24 2.82 -18.62
C GLU A 97 5.93 3.49 -18.15
N LEU A 98 6.03 4.61 -17.44
CA LEU A 98 4.85 5.30 -16.92
C LEU A 98 3.66 5.41 -17.88
N PRO A 99 3.89 5.88 -19.11
CA PRO A 99 2.75 6.05 -20.00
C PRO A 99 2.09 4.71 -20.33
N VAL A 100 2.90 3.67 -20.49
CA VAL A 100 2.34 2.36 -20.74
C VAL A 100 1.46 1.91 -19.58
N ARG A 101 1.95 2.04 -18.35
CA ARG A 101 1.23 1.54 -17.18
C ARG A 101 -0.05 2.35 -16.96
N ILE A 102 0.01 3.65 -17.20
CA ILE A 102 -1.21 4.46 -17.15
C ILE A 102 -2.21 3.99 -18.22
N ALA A 103 -1.74 3.74 -19.42
CA ALA A 103 -2.67 3.36 -20.50
C ALA A 103 -3.43 2.09 -20.14
N HIS A 104 -2.72 1.08 -19.65
CA HIS A 104 -3.38 -0.12 -19.13
C HIS A 104 -4.50 0.17 -18.14
N ARG A 105 -4.35 1.23 -17.37
CA ARG A 105 -5.36 1.59 -16.38
C ARG A 105 -6.55 2.23 -17.05
N ILE A 106 -6.31 2.89 -18.16
CA ILE A 106 -7.40 3.49 -18.91
C ILE A 106 -8.27 2.45 -19.63
N LYS A 107 -7.65 1.44 -20.21
CA LYS A 107 -8.38 0.29 -20.74
C LYS A 107 -9.27 -0.33 -19.66
N GLY A 108 -8.74 -0.42 -18.43
CA GLY A 108 -9.50 -0.94 -17.31
C GLY A 108 -10.72 -0.09 -16.96
N PHE A 109 -10.60 1.22 -17.08
CA PHE A 109 -11.75 2.08 -16.84
C PHE A 109 -12.77 1.92 -17.95
N ARG A 110 -12.29 1.71 -19.18
CA ARG A 110 -13.15 1.58 -20.35
C ARG A 110 -13.91 0.26 -20.32
N SER A 111 -13.31 -0.74 -19.69
CA SER A 111 -13.90 -2.07 -19.65
C SER A 111 -14.98 -2.13 -18.56
N LEU A 112 -15.05 -1.13 -17.70
CA LEU A 112 -16.08 -1.13 -16.67
C LEU A 112 -17.46 -1.17 -17.29
N PRO A 113 -18.37 -1.92 -16.67
CA PRO A 113 -19.80 -1.86 -16.99
C PRO A 113 -20.24 -0.41 -17.13
N PHE A 114 -20.76 -0.04 -18.29
CA PHE A 114 -21.36 1.27 -18.53
C PHE A 114 -21.99 1.93 -17.30
N ILE A 115 -22.88 1.21 -16.62
CA ILE A 115 -23.70 1.79 -15.55
C ILE A 115 -22.85 2.40 -14.44
N ILE A 116 -21.83 1.63 -14.04
CA ILE A 116 -20.81 2.04 -13.09
C ILE A 116 -19.85 3.09 -13.64
N GLY A 117 -19.16 2.76 -14.73
CA GLY A 117 -18.22 3.67 -15.37
C GLY A 117 -18.76 5.05 -15.68
N CYS A 118 -20.07 5.23 -15.47
CA CYS A 118 -20.78 6.48 -15.75
C CYS A 118 -20.93 7.35 -14.53
N ASN A 119 -20.89 6.71 -13.36
CA ASN A 119 -20.96 7.39 -12.08
C ASN A 119 -19.88 8.46 -12.00
N PRO A 120 -20.28 9.69 -11.68
CA PRO A 120 -19.40 10.87 -11.82
C PRO A 120 -18.00 10.74 -11.17
N THR A 121 -17.94 10.22 -9.95
CA THR A 121 -16.67 10.02 -9.28
C THR A 121 -15.76 9.04 -10.03
N ILE A 122 -16.32 7.90 -10.44
CA ILE A 122 -15.57 6.97 -11.27
C ILE A 122 -15.15 7.70 -12.55
N LEU A 123 -16.08 8.47 -13.09
CA LEU A 123 -15.83 9.21 -14.30
C LEU A 123 -14.72 10.23 -14.07
N HIS A 124 -14.69 10.83 -12.87
CA HIS A 124 -13.63 11.79 -12.56
C HIS A 124 -12.26 11.12 -12.51
N VAL A 125 -12.16 10.01 -11.77
CA VAL A 125 -10.90 9.26 -11.69
C VAL A 125 -10.48 8.83 -13.09
N HIS A 126 -11.46 8.42 -13.89
CA HIS A 126 -11.23 8.08 -15.29
C HIS A 126 -10.55 9.26 -15.99
N GLU A 127 -11.11 10.46 -15.81
CA GLU A 127 -10.54 11.66 -16.42
C GLU A 127 -9.11 11.94 -15.94
N LEU A 128 -8.91 11.91 -14.63
CA LEU A 128 -7.57 12.07 -14.05
C LEU A 128 -6.49 11.26 -14.72
N TYR A 129 -6.79 9.99 -15.01
CA TYR A 129 -5.85 9.14 -15.71
C TYR A 129 -5.58 9.58 -17.14
N ILE A 130 -6.64 9.98 -17.85
CA ILE A 130 -6.50 10.49 -19.21
C ILE A 130 -5.62 11.74 -19.19
N ARG A 131 -5.88 12.60 -18.21
CA ARG A 131 -5.08 13.78 -17.99
C ARG A 131 -3.61 13.39 -17.73
N ALA A 132 -3.39 12.43 -16.84
CA ALA A 132 -2.03 12.07 -16.48
C ALA A 132 -1.28 11.55 -17.70
N PHE A 133 -1.97 10.71 -18.48
CA PHE A 133 -1.40 10.11 -19.67
C PHE A 133 -1.06 11.15 -20.73
N GLN A 134 -1.98 12.10 -20.93
CA GLN A 134 -1.65 13.25 -21.75
C GLN A 134 -0.35 13.91 -21.30
N LYS A 135 -0.35 14.43 -20.07
CA LYS A 135 0.82 15.11 -19.50
C LYS A 135 2.15 14.36 -19.70
N LEU A 136 2.12 13.02 -19.56
CA LEU A 136 3.33 12.20 -19.61
C LEU A 136 3.88 12.04 -21.01
N THR A 137 2.96 11.86 -21.95
CA THR A 137 3.27 11.74 -23.37
C THR A 137 3.72 13.08 -23.93
N ASP A 138 2.97 14.12 -23.60
CA ASP A 138 3.30 15.46 -24.02
C ASP A 138 4.71 15.82 -23.58
N PHE A 139 5.12 15.41 -22.38
CA PHE A 139 6.47 15.73 -21.95
C PHE A 139 7.49 15.17 -22.94
N PRO A 140 8.44 16.02 -23.36
CA PRO A 140 9.41 15.71 -24.42
C PRO A 140 10.54 14.81 -23.94
N PRO A 141 11.05 13.93 -24.81
CA PRO A 141 12.15 13.04 -24.45
C PRO A 141 13.24 13.75 -23.64
N ILE A 142 13.86 13.01 -22.72
CA ILE A 142 14.88 13.58 -21.84
C ILE A 142 16.26 13.32 -22.43
N LYS A 143 16.97 14.40 -22.75
CA LYS A 143 18.31 14.30 -23.33
C LYS A 143 19.36 14.91 -22.41
N ASP A 144 18.93 15.63 -21.39
CA ASP A 144 19.86 16.27 -20.46
C ASP A 144 19.34 16.39 -19.02
N GLN A 145 20.18 16.93 -18.15
CA GLN A 145 19.85 17.03 -16.73
C GLN A 145 18.62 17.88 -16.47
N ALA A 146 18.52 19.00 -17.16
CA ALA A 146 17.45 19.95 -16.90
C ALA A 146 16.09 19.38 -17.30
N ASP A 147 16.09 18.51 -18.31
CA ASP A 147 14.86 17.84 -18.71
C ASP A 147 14.39 17.04 -17.51
N GLU A 148 15.18 16.00 -17.21
CA GLU A 148 14.96 15.14 -16.06
C GLU A 148 14.48 15.95 -14.86
N ALA A 149 15.16 17.05 -14.57
CA ALA A 149 14.77 17.90 -13.45
C ALA A 149 13.30 18.36 -13.50
N GLN A 150 12.88 18.87 -14.66
CA GLN A 150 11.52 19.38 -14.78
C GLN A 150 10.54 18.23 -14.87
N TYR A 151 11.01 17.11 -15.40
CA TYR A 151 10.24 15.86 -15.35
C TYR A 151 9.86 15.50 -13.91
N CYS A 152 10.83 15.64 -13.01
CA CYS A 152 10.62 15.37 -11.60
C CYS A 152 9.47 16.20 -11.07
N GLN A 153 9.38 17.43 -11.55
CA GLN A 153 8.35 18.36 -11.13
C GLN A 153 6.96 17.88 -11.54
N LEU A 154 6.87 17.23 -12.71
CA LEU A 154 5.61 16.68 -13.20
C LEU A 154 5.18 15.55 -12.28
N VAL A 155 6.02 14.52 -12.21
CA VAL A 155 5.84 13.41 -11.29
C VAL A 155 5.39 13.84 -9.89
N ARG A 156 5.95 14.93 -9.38
CA ARG A 156 5.49 15.48 -8.11
C ARG A 156 4.05 15.97 -8.21
N GLN A 157 3.71 16.71 -9.28
CA GLN A 157 2.34 17.17 -9.46
C GLN A 157 1.41 15.99 -9.53
N LEU A 158 1.79 15.01 -10.35
CA LEU A 158 0.97 13.83 -10.56
C LEU A 158 0.70 13.09 -9.26
N LEU A 159 1.76 12.80 -8.52
CA LEU A 159 1.62 12.12 -7.21
C LEU A 159 0.66 12.85 -6.27
N ASP A 160 0.74 14.18 -6.23
CA ASP A 160 -0.21 14.95 -5.43
C ASP A 160 -1.65 14.91 -5.96
N ASP A 161 -1.80 14.94 -7.28
CA ASP A 161 -3.14 14.99 -7.88
C ASP A 161 -3.88 13.65 -7.74
N HIS A 162 -3.11 12.56 -7.71
CA HIS A 162 -3.72 11.27 -7.61
C HIS A 162 -3.75 10.69 -6.19
N LYS A 163 -3.41 11.52 -5.21
CA LYS A 163 -3.19 11.01 -3.86
C LYS A 163 -4.48 10.52 -3.18
N ASP A 164 -5.59 11.18 -3.49
CA ASP A 164 -6.91 10.85 -2.94
C ASP A 164 -7.68 9.80 -3.78
N VAL A 165 -7.04 9.26 -4.81
CA VAL A 165 -7.74 8.38 -5.76
C VAL A 165 -8.46 7.18 -5.13
N VAL A 166 -7.76 6.43 -4.28
CA VAL A 166 -8.34 5.25 -3.65
C VAL A 166 -9.62 5.61 -2.89
N THR A 167 -9.71 6.85 -2.44
CA THR A 167 -10.88 7.28 -1.70
C THR A 167 -12.00 7.49 -2.68
N LEU A 168 -11.73 8.30 -3.70
CA LEU A 168 -12.69 8.54 -4.78
C LEU A 168 -13.28 7.25 -5.32
N LEU A 169 -12.41 6.27 -5.57
CA LEU A 169 -12.87 5.01 -6.09
C LEU A 169 -13.92 4.43 -5.17
N ALA A 170 -13.55 4.30 -3.90
CA ALA A 170 -14.41 3.72 -2.87
C ALA A 170 -15.81 4.32 -2.85
N GLU A 171 -15.90 5.65 -2.95
CA GLU A 171 -17.19 6.33 -2.98
C GLU A 171 -17.87 6.20 -4.32
N GLY A 172 -17.09 6.39 -5.39
CA GLY A 172 -17.59 6.12 -6.71
C GLY A 172 -18.32 4.79 -6.71
N LEU A 173 -17.73 3.78 -6.08
CA LEU A 173 -18.34 2.46 -6.09
C LEU A 173 -19.42 2.28 -5.03
N ARG A 174 -19.31 2.98 -3.90
CA ARG A 174 -20.37 2.94 -2.89
C ARG A 174 -21.69 3.48 -3.44
N GLU A 175 -21.62 4.61 -4.13
CA GLU A 175 -22.81 5.18 -4.78
C GLU A 175 -23.39 4.14 -5.72
N SER A 176 -22.54 3.24 -6.19
CA SER A 176 -22.87 2.40 -7.33
C SER A 176 -23.14 0.93 -6.96
N ARG A 177 -23.41 0.66 -5.69
CA ARG A 177 -23.67 -0.70 -5.20
C ARG A 177 -24.82 -1.43 -5.89
N LYS A 178 -25.96 -0.74 -5.99
CA LYS A 178 -27.20 -1.31 -6.52
C LYS A 178 -27.01 -1.95 -7.90
N HIS A 179 -26.35 -1.20 -8.79
CA HIS A 179 -26.18 -1.61 -10.17
C HIS A 179 -25.11 -2.68 -10.33
N ILE A 180 -24.55 -3.11 -9.20
CA ILE A 180 -23.54 -4.17 -9.22
C ILE A 180 -24.17 -5.55 -9.33
N GLU A 181 -23.93 -6.20 -10.48
CA GLU A 181 -24.43 -7.54 -10.76
C GLU A 181 -23.33 -8.59 -10.59
N ASP A 182 -22.20 -8.40 -11.26
CA ASP A 182 -21.07 -9.32 -11.09
C ASP A 182 -20.03 -8.73 -10.15
N GLU A 183 -19.89 -9.32 -8.97
CA GLU A 183 -18.97 -8.81 -7.95
C GLU A 183 -17.52 -9.10 -8.33
N LYS A 184 -17.22 -10.36 -8.58
CA LYS A 184 -15.87 -10.73 -8.98
C LYS A 184 -15.30 -9.75 -10.01
N LEU A 185 -16.15 -9.24 -10.89
CA LEU A 185 -15.71 -8.36 -11.98
C LEU A 185 -15.17 -7.01 -11.50
N VAL A 186 -15.81 -6.44 -10.49
CA VAL A 186 -15.33 -5.20 -9.89
C VAL A 186 -14.15 -5.42 -8.91
N ARG A 187 -14.25 -6.43 -8.05
CA ARG A 187 -13.19 -6.73 -7.11
C ARG A 187 -11.90 -6.87 -7.90
N TYR A 188 -12.00 -7.47 -9.07
CA TYR A 188 -10.84 -7.60 -9.95
C TYR A 188 -10.37 -6.23 -10.44
N PHE A 189 -11.33 -5.35 -10.76
CA PHE A 189 -11.00 -4.05 -11.28
C PHE A 189 -10.20 -3.32 -10.22
N LEU A 190 -10.73 -3.37 -9.00
CA LEU A 190 -10.10 -2.70 -7.89
C LEU A 190 -8.70 -3.22 -7.62
N ASP A 191 -8.56 -4.54 -7.53
CA ASP A 191 -7.25 -5.11 -7.27
C ASP A 191 -6.26 -4.65 -8.31
N LYS A 192 -6.67 -4.69 -9.56
CA LYS A 192 -5.73 -4.44 -10.63
C LYS A 192 -5.37 -2.95 -10.68
N THR A 193 -6.35 -2.11 -10.36
CA THR A 193 -6.16 -0.67 -10.32
C THR A 193 -5.35 -0.18 -9.11
N LEU A 194 -5.77 -0.58 -7.91
CA LEU A 194 -5.10 -0.16 -6.69
C LEU A 194 -3.64 -0.61 -6.61
N THR A 195 -3.40 -1.86 -7.01
CA THR A 195 -2.07 -2.41 -7.01
C THR A 195 -1.22 -1.86 -8.13
N SER A 196 -1.79 -1.80 -9.31
CA SER A 196 -1.06 -1.27 -10.45
C SER A 196 -0.70 0.17 -10.11
N ARG A 197 -1.61 0.85 -9.42
CA ARG A 197 -1.37 2.20 -8.92
C ARG A 197 -0.17 2.27 -7.99
N LEU A 198 -0.08 1.29 -7.10
CA LEU A 198 1.02 1.21 -6.15
C LEU A 198 2.34 1.18 -6.89
N GLY A 199 2.49 0.17 -7.75
CA GLY A 199 3.69 0.04 -8.55
C GLY A 199 4.11 1.33 -9.22
N ILE A 200 3.14 2.02 -9.84
CA ILE A 200 3.41 3.33 -10.43
C ILE A 200 3.98 4.29 -9.37
N ARG A 201 3.32 4.43 -8.23
CA ARG A 201 3.75 5.46 -7.30
C ARG A 201 5.04 5.04 -6.64
N MET A 202 5.33 3.75 -6.65
CA MET A 202 6.58 3.28 -6.09
C MET A 202 7.71 3.68 -7.02
N LEU A 203 7.52 3.34 -8.30
CA LEU A 203 8.52 3.59 -9.31
C LEU A 203 8.81 5.08 -9.37
N ALA A 204 7.76 5.89 -9.34
CA ALA A 204 7.90 7.34 -9.32
C ALA A 204 8.65 7.83 -8.10
N THR A 205 8.21 7.43 -6.90
CA THR A 205 8.89 7.93 -5.70
C THR A 205 10.33 7.44 -5.64
N HIS A 206 10.58 6.21 -6.08
CA HIS A 206 11.96 5.74 -6.14
C HIS A 206 12.81 6.73 -6.92
N HIS A 207 12.34 7.13 -8.09
CA HIS A 207 13.09 8.09 -8.90
C HIS A 207 13.37 9.38 -8.14
N LEU A 208 12.32 10.07 -7.71
CA LEU A 208 12.50 11.29 -6.92
C LEU A 208 13.47 11.05 -5.74
N ALA A 209 13.38 9.88 -5.13
CA ALA A 209 14.24 9.53 -4.00
C ALA A 209 15.72 9.51 -4.38
N LEU A 210 16.03 9.09 -5.60
CA LEU A 210 17.41 9.09 -6.10
C LEU A 210 18.14 10.43 -6.01
N HIS A 211 17.38 11.52 -5.86
CA HIS A 211 17.95 12.86 -5.72
C HIS A 211 18.36 13.16 -4.28
N GLU A 212 17.65 12.56 -3.33
CA GLU A 212 17.94 12.73 -1.91
C GLU A 212 19.30 12.15 -1.57
N ASP A 213 19.95 12.69 -0.55
CA ASP A 213 21.28 12.23 -0.15
C ASP A 213 21.22 11.39 1.13
N LYS A 214 20.03 10.89 1.44
CA LYS A 214 19.79 10.12 2.67
C LYS A 214 20.64 8.85 2.76
N PRO A 215 21.20 8.60 3.96
CA PRO A 215 22.10 7.48 4.26
C PRO A 215 21.30 6.22 4.59
N ASP A 216 21.76 5.07 4.11
CA ASP A 216 21.03 3.81 4.27
C ASP A 216 19.90 3.66 3.26
N PHE A 217 19.85 4.55 2.26
CA PHE A 217 18.77 4.51 1.28
C PHE A 217 19.28 4.63 -0.15
N VAL A 218 19.05 3.60 -0.94
CA VAL A 218 19.21 3.68 -2.39
C VAL A 218 17.82 3.89 -3.00
N GLY A 219 17.44 5.14 -3.22
CA GLY A 219 16.08 5.43 -3.63
C GLY A 219 15.11 5.34 -2.47
N ILE A 220 14.09 4.51 -2.64
CA ILE A 220 13.13 4.28 -1.57
C ILE A 220 13.48 2.99 -0.84
N ILE A 221 14.57 2.37 -1.28
CA ILE A 221 15.05 1.13 -0.71
C ILE A 221 15.95 1.38 0.49
N CYS A 222 15.54 0.90 1.66
CA CYS A 222 16.43 0.86 2.81
C CYS A 222 17.45 -0.27 2.65
N THR A 223 18.72 0.01 2.97
CA THR A 223 19.77 -1.00 2.96
C THR A 223 19.81 -1.77 4.28
N ARG A 224 19.39 -1.12 5.37
CA ARG A 224 19.45 -1.69 6.72
C ARG A 224 18.12 -1.45 7.45
N LEU A 225 17.03 -1.95 6.91
CA LEU A 225 15.70 -1.73 7.50
C LEU A 225 15.37 -2.65 8.68
N SER A 226 14.93 -2.06 9.79
CA SER A 226 14.50 -2.83 10.95
C SER A 226 12.98 -2.96 10.99
N PRO A 227 12.45 -4.19 10.82
CA PRO A 227 11.00 -4.40 10.90
C PRO A 227 10.47 -3.87 12.22
N LYS A 228 11.23 -4.04 13.29
CA LYS A 228 10.80 -3.60 14.60
C LYS A 228 10.59 -2.10 14.62
N LYS A 229 11.63 -1.36 14.22
CA LYS A 229 11.59 0.10 14.30
C LYS A 229 10.39 0.63 13.50
N ILE A 230 10.16 0.08 12.32
CA ILE A 230 9.05 0.53 11.47
C ILE A 230 7.65 0.15 11.98
N ILE A 231 7.53 -1.02 12.59
CA ILE A 231 6.28 -1.40 13.24
C ILE A 231 5.99 -0.44 14.40
N GLU A 232 7.04 -0.08 15.13
CA GLU A 232 6.89 0.82 16.26
C GLU A 232 6.34 2.16 15.82
N LYS A 233 6.89 2.70 14.74
CA LYS A 233 6.35 3.93 14.15
C LYS A 233 4.83 3.79 13.99
N TRP A 234 4.39 2.75 13.28
CA TRP A 234 2.98 2.62 13.01
C TRP A 234 2.14 2.32 14.23
N VAL A 235 2.77 1.73 15.24
CA VAL A 235 2.11 1.50 16.51
C VAL A 235 1.75 2.84 17.20
N ASP A 236 2.73 3.73 17.31
CA ASP A 236 2.52 5.02 17.99
C ASP A 236 1.44 5.79 17.29
N PHE A 237 1.49 5.74 15.97
CA PHE A 237 0.49 6.33 15.10
C PHE A 237 -0.89 5.77 15.36
N ALA A 238 -0.96 4.44 15.47
CA ALA A 238 -2.23 3.76 15.71
C ALA A 238 -2.68 3.92 17.17
N ARG A 239 -1.76 3.85 18.12
CA ARG A 239 -2.14 4.10 19.50
C ARG A 239 -2.83 5.44 19.62
N ARG A 240 -2.23 6.47 19.02
CA ARG A 240 -2.80 7.81 19.05
C ARG A 240 -4.21 7.90 18.47
N LEU A 241 -4.37 7.59 17.20
CA LEU A 241 -5.73 7.50 16.63
C LEU A 241 -6.70 6.79 17.57
N CYS A 242 -6.21 5.76 18.26
CA CYS A 242 -7.03 4.93 19.12
C CYS A 242 -7.34 5.59 20.46
N GLU A 243 -6.31 5.98 21.21
CA GLU A 243 -6.52 6.66 22.49
C GLU A 243 -7.57 7.76 22.35
N HIS A 244 -7.48 8.54 21.27
CA HIS A 244 -8.42 9.64 21.03
C HIS A 244 -9.90 9.24 21.04
N LYS A 245 -10.22 8.06 20.54
CA LYS A 245 -11.62 7.62 20.48
C LYS A 245 -12.07 6.82 21.70
N TYR A 246 -11.17 6.02 22.25
CA TYR A 246 -11.58 5.13 23.32
C TYR A 246 -10.98 5.55 24.65
N GLY A 247 -10.08 6.52 24.60
CA GLY A 247 -9.46 7.00 25.82
C GLY A 247 -8.23 6.20 26.20
N ASN A 248 -8.23 4.92 25.83
CA ASN A 248 -7.01 4.11 25.92
C ASN A 248 -6.70 3.41 24.59
N ALA A 249 -5.58 2.67 24.60
CA ALA A 249 -5.22 1.78 23.51
C ALA A 249 -4.36 0.62 24.05
N PRO A 250 -4.56 -0.59 23.49
CA PRO A 250 -3.85 -1.79 23.95
C PRO A 250 -2.34 -1.65 23.84
N ARG A 251 -1.63 -2.08 24.87
CA ARG A 251 -0.17 -2.13 24.83
C ARG A 251 0.15 -3.03 23.66
N VAL A 252 1.25 -2.74 22.95
CA VAL A 252 1.67 -3.64 21.88
C VAL A 252 3.03 -4.25 22.15
N ARG A 253 3.07 -5.57 22.27
CA ARG A 253 4.34 -6.29 22.44
C ARG A 253 4.78 -6.95 21.16
N ILE A 254 6.08 -6.89 20.93
CA ILE A 254 6.70 -7.42 19.73
C ILE A 254 7.76 -8.48 20.07
N ASN A 255 7.63 -9.67 19.50
CA ASN A 255 8.63 -10.72 19.72
C ASN A 255 9.14 -11.33 18.41
N GLY A 256 9.83 -12.46 18.50
CA GLY A 256 10.50 -13.04 17.33
C GLY A 256 11.79 -12.32 16.99
N HIS A 257 12.13 -12.23 15.72
CA HIS A 257 13.38 -11.60 15.28
C HIS A 257 13.30 -10.06 15.31
N VAL A 258 13.47 -9.53 16.50
CA VAL A 258 13.31 -8.12 16.75
C VAL A 258 14.57 -7.34 16.41
N ALA A 259 15.70 -8.03 16.31
CA ALA A 259 16.95 -7.39 15.90
C ALA A 259 17.22 -7.53 14.39
N ALA A 260 16.28 -8.10 13.67
CA ALA A 260 16.47 -8.31 12.23
C ALA A 260 16.66 -6.98 11.51
N ARG A 261 17.64 -6.95 10.61
CA ARG A 261 17.89 -5.81 9.73
C ARG A 261 18.28 -6.32 8.34
N PHE A 262 17.74 -5.69 7.30
CA PHE A 262 17.92 -6.18 5.93
C PHE A 262 17.35 -5.23 4.87
N PRO A 263 17.90 -5.28 3.64
CA PRO A 263 17.40 -4.47 2.52
C PRO A 263 15.91 -4.67 2.26
N PHE A 264 15.19 -3.56 2.11
CA PHE A 264 13.74 -3.60 1.97
C PHE A 264 13.15 -2.24 1.55
N ILE A 265 11.91 -2.26 1.11
CA ILE A 265 11.22 -1.04 0.73
C ILE A 265 10.10 -0.74 1.70
N PRO A 266 10.30 0.24 2.58
CA PRO A 266 9.27 0.66 3.53
C PRO A 266 7.88 0.86 2.91
N MET A 267 7.80 1.33 1.67
CA MET A 267 6.52 1.82 1.15
C MET A 267 5.32 0.89 1.38
N PRO A 268 5.37 -0.35 0.86
CA PRO A 268 4.26 -1.29 1.09
C PRO A 268 3.87 -1.38 2.56
N LEU A 269 4.83 -1.72 3.42
CA LEU A 269 4.63 -1.70 4.87
C LEU A 269 3.92 -0.42 5.33
N ASP A 270 4.28 0.73 4.76
CA ASP A 270 3.70 2.01 5.14
C ASP A 270 2.20 2.14 4.86
N TYR A 271 1.65 1.35 3.93
CA TYR A 271 0.20 1.33 3.82
CA TYR A 271 0.21 1.29 3.72
C TYR A 271 -0.40 0.28 4.71
N ILE A 272 -0.04 -0.98 4.47
CA ILE A 272 -0.55 -2.15 5.18
C ILE A 272 -0.59 -2.07 6.73
N LEU A 273 0.57 -1.89 7.36
CA LEU A 273 0.66 -1.98 8.83
C LEU A 273 -0.38 -1.15 9.60
N PRO A 274 -0.48 0.15 9.30
CA PRO A 274 -1.47 0.97 10.01
C PRO A 274 -2.86 0.44 9.82
N GLU A 275 -3.09 -0.31 8.74
CA GLU A 275 -4.38 -0.93 8.54
C GLU A 275 -4.60 -2.00 9.59
N LEU A 276 -3.71 -2.99 9.59
CA LEU A 276 -3.79 -4.10 10.52
C LEU A 276 -3.83 -3.65 11.99
N LEU A 277 -2.92 -2.73 12.38
CA LEU A 277 -2.93 -2.19 13.75
C LEU A 277 -4.24 -1.48 14.11
N LYS A 278 -4.80 -0.72 13.17
CA LYS A 278 -6.07 -0.08 13.39
C LYS A 278 -7.15 -1.11 13.71
N ASN A 279 -7.13 -2.23 13.00
CA ASN A 279 -8.09 -3.29 13.27
C ASN A 279 -7.82 -3.94 14.62
N ALA A 280 -6.60 -4.43 14.79
CA ALA A 280 -6.21 -5.09 16.04
C ALA A 280 -6.65 -4.27 17.23
N MET A 281 -6.46 -2.96 17.16
CA MET A 281 -6.77 -2.06 18.27
C MET A 281 -8.26 -1.77 18.36
N ARG A 282 -8.88 -1.50 17.22
CA ARG A 282 -10.34 -1.34 17.18
C ARG A 282 -11.06 -2.55 17.82
N ALA A 283 -10.90 -3.73 17.24
CA ALA A 283 -11.49 -4.94 17.81
C ALA A 283 -11.21 -5.10 19.32
N THR A 284 -9.96 -4.92 19.73
CA THR A 284 -9.62 -5.05 21.15
C THR A 284 -10.45 -4.09 21.96
N MET A 285 -10.45 -2.82 21.58
CA MET A 285 -11.23 -1.85 22.33
C MET A 285 -12.74 -2.12 22.28
N GLU A 286 -13.28 -2.33 21.09
CA GLU A 286 -14.72 -2.56 20.92
C GLU A 286 -15.29 -3.72 21.75
N SER A 287 -14.41 -4.60 22.23
CA SER A 287 -14.86 -5.78 22.93
C SER A 287 -14.65 -5.64 24.43
N HIS A 288 -13.88 -4.63 24.81
CA HIS A 288 -13.68 -4.28 26.23
C HIS A 288 -14.14 -2.86 26.51
N LEU A 289 -15.44 -2.62 26.40
CA LEU A 289 -16.00 -1.30 26.71
C LEU A 289 -16.05 -1.11 28.22
N ASP A 290 -16.24 -2.20 28.93
CA ASP A 290 -16.31 -2.19 30.38
C ASP A 290 -14.99 -1.86 31.05
N THR A 291 -13.87 -2.22 30.41
CA THR A 291 -12.56 -2.00 31.02
C THR A 291 -11.51 -1.44 30.06
N PRO A 292 -11.78 -0.27 29.47
CA PRO A 292 -10.88 0.29 28.46
C PRO A 292 -9.49 0.55 29.04
N TYR A 293 -9.44 0.66 30.35
CA TYR A 293 -8.20 0.96 31.09
C TYR A 293 -7.36 -0.30 31.25
N ASN A 294 -7.97 -1.45 31.00
CA ASN A 294 -7.26 -2.72 31.05
C ASN A 294 -7.69 -3.65 29.93
N VAL A 295 -6.95 -3.59 28.83
CA VAL A 295 -7.26 -4.42 27.68
C VAL A 295 -6.09 -5.31 27.29
N PRO A 296 -6.40 -6.50 26.76
CA PRO A 296 -5.38 -7.48 26.38
C PRO A 296 -4.42 -6.87 25.36
N ASP A 297 -3.14 -7.15 25.52
CA ASP A 297 -2.14 -6.66 24.57
C ASP A 297 -2.29 -7.18 23.14
N VAL A 298 -1.78 -6.40 22.21
CA VAL A 298 -1.68 -6.82 20.83
C VAL A 298 -0.28 -7.36 20.71
N VAL A 299 -0.16 -8.57 20.21
CA VAL A 299 1.13 -9.21 20.15
C VAL A 299 1.57 -9.34 18.70
N ILE A 300 2.71 -8.74 18.41
CA ILE A 300 3.25 -8.81 17.07
C ILE A 300 4.47 -9.70 17.05
N THR A 301 4.52 -10.58 16.06
CA THR A 301 5.62 -11.50 15.98
C THR A 301 6.31 -11.34 14.64
N ILE A 302 7.63 -11.24 14.66
CA ILE A 302 8.38 -11.04 13.43
C ILE A 302 9.18 -12.29 13.15
N ALA A 303 9.06 -12.82 11.94
CA ALA A 303 9.87 -13.97 11.58
C ALA A 303 10.63 -13.69 10.30
N ASN A 304 11.95 -13.64 10.40
CA ASN A 304 12.79 -13.36 9.26
C ASN A 304 13.61 -14.57 8.82
N ASN A 305 13.31 -15.08 7.63
CA ASN A 305 14.08 -16.13 6.98
C ASN A 305 14.61 -15.65 5.63
N ASP A 306 15.31 -16.52 4.89
CA ASP A 306 15.97 -16.11 3.65
C ASP A 306 15.02 -16.01 2.46
N VAL A 307 13.79 -16.47 2.65
CA VAL A 307 12.79 -16.43 1.60
C VAL A 307 11.89 -15.19 1.68
N ASP A 308 11.26 -15.00 2.84
CA ASP A 308 10.39 -13.87 3.03
C ASP A 308 10.38 -13.42 4.49
N LEU A 309 9.53 -12.43 4.77
CA LEU A 309 9.40 -11.86 6.10
C LEU A 309 7.99 -12.08 6.54
N ILE A 310 7.79 -12.60 7.73
CA ILE A 310 6.43 -12.75 8.22
C ILE A 310 6.20 -11.84 9.39
N ILE A 311 5.05 -11.21 9.41
CA ILE A 311 4.66 -10.45 10.57
C ILE A 311 3.29 -10.94 10.99
N ARG A 312 3.20 -11.50 12.18
CA ARG A 312 1.91 -11.93 12.67
C ARG A 312 1.34 -10.95 13.67
N ILE A 313 0.06 -10.62 13.53
CA ILE A 313 -0.56 -9.66 14.44
C ILE A 313 -1.73 -10.28 15.16
N SER A 314 -1.54 -10.53 16.44
CA SER A 314 -2.57 -11.19 17.25
C SER A 314 -3.34 -10.22 18.12
N ASP A 315 -4.66 -10.25 18.03
CA ASP A 315 -5.50 -9.50 18.94
C ASP A 315 -6.45 -10.40 19.74
N ARG A 316 -7.02 -9.86 20.80
CA ARG A 316 -7.95 -10.61 21.64
C ARG A 316 -9.32 -9.95 21.66
N GLY A 317 -9.77 -9.50 20.50
CA GLY A 317 -11.03 -8.79 20.39
C GLY A 317 -12.18 -9.66 19.92
N GLY A 318 -12.20 -10.93 20.35
CA GLY A 318 -13.29 -11.85 20.05
C GLY A 318 -13.41 -12.32 18.60
N GLY A 319 -12.46 -11.93 17.76
CA GLY A 319 -12.45 -12.36 16.37
C GLY A 319 -13.60 -11.95 15.48
N ILE A 320 -13.44 -12.24 14.19
CA ILE A 320 -14.44 -11.92 13.20
C ILE A 320 -15.51 -13.02 13.17
N ALA A 321 -16.75 -12.63 13.46
CA ALA A 321 -17.86 -13.59 13.53
C ALA A 321 -18.00 -14.37 12.23
N HIS A 322 -18.56 -15.56 12.33
CA HIS A 322 -18.63 -16.48 11.20
C HIS A 322 -19.25 -15.85 9.96
N LYS A 323 -20.42 -15.24 10.13
CA LYS A 323 -21.13 -14.62 9.00
C LYS A 323 -20.29 -13.56 8.29
N ASP A 324 -19.63 -12.72 9.08
CA ASP A 324 -18.78 -11.65 8.57
C ASP A 324 -17.50 -12.11 7.87
N LEU A 325 -17.10 -13.36 8.08
CA LEU A 325 -15.85 -13.84 7.50
C LEU A 325 -15.75 -13.61 6.00
N ASP A 326 -16.84 -13.89 5.27
CA ASP A 326 -16.81 -13.68 3.84
C ASP A 326 -16.76 -12.19 3.52
N ARG A 327 -17.73 -11.45 4.07
CA ARG A 327 -17.87 -10.01 3.87
C ARG A 327 -16.64 -9.18 4.26
N VAL A 328 -15.92 -9.60 5.30
CA VAL A 328 -14.81 -8.80 5.84
C VAL A 328 -13.67 -8.59 4.85
N MET A 329 -13.38 -9.60 4.04
CA MET A 329 -12.23 -9.55 3.15
C MET A 329 -12.60 -8.92 1.80
N ASP A 330 -13.88 -8.93 1.48
CA ASP A 330 -14.40 -8.28 0.28
C ASP A 330 -14.62 -6.80 0.54
N TYR A 331 -14.64 -5.99 -0.52
CA TYR A 331 -14.67 -4.54 -0.36
C TYR A 331 -15.98 -3.96 0.17
N GLY A 367 -12.89 -1.47 7.58
CA GLY A 367 -13.91 -1.32 6.56
C GLY A 367 -13.35 -0.81 5.23
N PHE A 368 -13.00 -1.75 4.35
CA PHE A 368 -12.40 -1.45 3.03
C PHE A 368 -10.86 -1.53 3.04
N GLY A 369 -10.26 -1.70 4.22
CA GLY A 369 -8.81 -1.63 4.35
C GLY A 369 -8.05 -2.96 4.23
N LEU A 370 -8.72 -4.04 4.61
CA LEU A 370 -8.13 -5.37 4.55
C LEU A 370 -8.00 -5.87 3.12
N PRO A 371 -9.03 -5.69 2.29
CA PRO A 371 -8.94 -6.24 0.95
C PRO A 371 -7.81 -5.56 0.19
N THR A 372 -7.65 -4.26 0.41
CA THR A 372 -6.59 -3.52 -0.25
C THR A 372 -5.23 -4.01 0.23
N SER A 373 -5.13 -4.32 1.51
CA SER A 373 -3.87 -4.80 2.06
C SER A 373 -3.51 -6.18 1.52
N ARG A 374 -4.51 -7.05 1.38
CA ARG A 374 -4.30 -8.36 0.80
C ARG A 374 -3.79 -8.22 -0.63
N ALA A 375 -4.30 -7.22 -1.34
CA ALA A 375 -3.95 -7.03 -2.75
C ALA A 375 -2.52 -6.56 -2.92
N TYR A 376 -2.14 -5.52 -2.19
CA TYR A 376 -0.76 -5.07 -2.14
C TYR A 376 0.20 -6.20 -1.77
N ALA A 377 -0.16 -6.98 -0.75
CA ALA A 377 0.69 -8.11 -0.35
C ALA A 377 0.89 -9.09 -1.50
N GLU A 378 -0.20 -9.56 -2.11
CA GLU A 378 -0.09 -10.54 -3.20
C GLU A 378 0.71 -9.98 -4.37
N TYR A 379 0.39 -8.75 -4.75
CA TYR A 379 1.13 -8.03 -5.79
C TYR A 379 2.65 -8.16 -5.64
N LEU A 380 3.15 -7.98 -4.43
CA LEU A 380 4.59 -7.97 -4.16
C LEU A 380 5.13 -9.37 -3.88
N GLY A 381 4.36 -10.39 -4.26
CA GLY A 381 4.79 -11.76 -4.09
C GLY A 381 4.67 -12.28 -2.66
N GLY A 382 3.75 -11.70 -1.92
CA GLY A 382 3.55 -12.08 -0.55
C GLY A 382 2.11 -12.45 -0.41
N SER A 383 1.59 -12.41 0.81
CA SER A 383 0.20 -12.75 1.01
C SER A 383 -0.29 -12.10 2.28
N LEU A 384 -1.58 -12.27 2.57
CA LEU A 384 -2.17 -11.79 3.79
C LEU A 384 -3.28 -12.74 4.25
N GLN A 385 -3.01 -13.61 5.20
CA GLN A 385 -4.01 -14.57 5.66
C GLN A 385 -4.61 -14.22 7.03
N LEU A 386 -5.85 -14.66 7.26
CA LEU A 386 -6.56 -14.49 8.55
C LEU A 386 -6.87 -15.79 9.26
N GLN A 387 -6.81 -15.73 10.59
CA GLN A 387 -7.32 -16.80 11.40
C GLN A 387 -8.19 -16.21 12.49
N SER A 388 -9.50 -16.33 12.33
CA SER A 388 -10.44 -15.93 13.34
C SER A 388 -10.64 -17.06 14.36
N LEU A 389 -10.69 -16.68 15.62
CA LEU A 389 -11.02 -17.60 16.69
C LEU A 389 -12.25 -17.03 17.36
N GLN A 390 -13.42 -17.37 16.84
CA GLN A 390 -14.62 -16.74 17.33
C GLN A 390 -14.84 -16.92 18.83
N GLY A 391 -14.85 -15.81 19.55
CA GLY A 391 -15.03 -15.81 20.99
C GLY A 391 -13.78 -15.35 21.72
N ILE A 392 -12.67 -15.28 20.99
CA ILE A 392 -11.37 -14.97 21.57
C ILE A 392 -10.63 -13.83 20.86
N GLY A 393 -10.40 -13.95 19.56
CA GLY A 393 -9.57 -12.99 18.86
C GLY A 393 -9.26 -13.34 17.41
N THR A 394 -8.32 -12.60 16.82
CA THR A 394 -7.93 -12.82 15.44
C THR A 394 -6.43 -12.80 15.33
N ASP A 395 -5.88 -13.62 14.45
CA ASP A 395 -4.47 -13.57 14.15
C ASP A 395 -4.32 -13.28 12.65
N VAL A 396 -3.45 -12.32 12.33
CA VAL A 396 -3.27 -11.89 10.95
C VAL A 396 -1.85 -12.11 10.48
N TYR A 397 -1.71 -12.74 9.33
CA TYR A 397 -0.39 -13.12 8.87
C TYR A 397 -0.06 -12.42 7.58
N LEU A 398 0.99 -11.62 7.63
CA LEU A 398 1.42 -10.88 6.48
C LEU A 398 2.79 -11.38 6.06
N ARG A 399 2.89 -11.92 4.86
CA ARG A 399 4.17 -12.34 4.30
CA ARG A 399 4.18 -12.35 4.31
C ARG A 399 4.58 -11.42 3.15
N LEU A 400 5.86 -11.06 3.09
CA LEU A 400 6.39 -10.21 2.05
C LEU A 400 7.67 -10.83 1.57
N ARG A 401 7.77 -11.09 0.27
CA ARG A 401 8.95 -11.72 -0.29
C ARG A 401 10.18 -10.83 -0.02
N HIS A 402 11.35 -11.43 0.14
CA HIS A 402 12.56 -10.65 0.31
C HIS A 402 13.07 -10.19 -1.04
N ILE A 403 13.74 -9.04 -1.09
CA ILE A 403 14.18 -8.52 -2.38
C ILE A 403 15.41 -9.20 -2.93
N ASP A 404 15.45 -9.37 -4.26
CA ASP A 404 16.56 -10.03 -4.93
C ASP A 404 16.74 -9.51 -6.36
#